data_2REE
#
_entry.id   2REE
#
_cell.length_a   91.463
_cell.length_b   91.463
_cell.length_c   138.877
_cell.angle_alpha   90.000
_cell.angle_beta   90.000
_cell.angle_gamma   120.000
#
_symmetry.space_group_name_H-M   'P 31 2 1'
#
loop_
_entity.id
_entity.type
_entity.pdbx_description
1 polymer CurA
2 non-polymer 'SULFATE ION'
3 non-polymer 'CHLORIDE ION'
4 non-polymer GLYCEROL
5 water water
#
_entity_poly.entity_id   1
_entity_poly.type   'polypeptide(L)'
_entity_poly.pdbx_seq_one_letter_code
;SNASLNCFENNYYNLRHPKIEDLRDLIALETLCWSENLQVDNEEIYRRIFKIPQGQFILELEDKIVGAIYSQRIDNPQLL
DNKTCTQVPLLHTESGVVVQLLAVNILPELQNQGLGDRLLEFMLQYCAQISGVEKVVAVTLCRNYPDYSPMPMAEYIHQK
NESGLLVDPLLRFHQIHGAKIEKLLPGYRPKDWENQTCGVLVSYDIQHRQRFDGATVEKNRQTK
;
_entity_poly.pdbx_strand_id   A,B
#
loop_
_chem_comp.id
_chem_comp.type
_chem_comp.name
_chem_comp.formula
CL non-polymer 'CHLORIDE ION' 'Cl -1'
GOL non-polymer GLYCEROL 'C3 H8 O3'
SO4 non-polymer 'SULFATE ION' 'O4 S -2'
#
# COMPACT_ATOMS: atom_id res chain seq x y z
N ASN A 11 -0.18 -20.56 -0.28
CA ASN A 11 -0.77 -19.42 -1.04
C ASN A 11 -2.28 -19.58 -1.30
N TYR A 12 -2.81 -20.75 -0.98
CA TYR A 12 -4.24 -21.03 -1.01
C TYR A 12 -4.93 -20.45 0.25
N TYR A 13 -5.41 -19.22 0.14
CA TYR A 13 -6.07 -18.52 1.26
C TYR A 13 -7.59 -18.59 1.23
N ASN A 14 -8.20 -18.74 2.39
CA ASN A 14 -9.65 -18.59 2.52
C ASN A 14 -9.99 -17.46 3.47
N LEU A 15 -11.05 -16.72 3.15
CA LEU A 15 -11.51 -15.63 3.99
C LEU A 15 -12.96 -15.91 4.37
N ARG A 16 -13.23 -15.91 5.68
CA ARG A 16 -14.55 -16.27 6.19
C ARG A 16 -14.82 -15.63 7.56
N HIS A 17 -16.10 -15.60 7.94
CA HIS A 17 -16.48 -15.23 9.29
C HIS A 17 -16.07 -16.34 10.26
N PRO A 18 -15.74 -15.97 11.50
CA PRO A 18 -15.31 -16.97 12.46
C PRO A 18 -16.46 -17.80 13.01
N LYS A 19 -16.09 -18.96 13.54
CA LYS A 19 -17.01 -19.82 14.30
C LYS A 19 -16.41 -20.01 15.69
N ILE A 20 -17.25 -20.44 16.63
N ILE A 20 -17.22 -20.45 16.64
CA ILE A 20 -16.81 -20.69 18.01
CA ILE A 20 -16.72 -20.62 18.01
C ILE A 20 -15.59 -21.60 18.04
C ILE A 20 -15.64 -21.70 18.13
N GLU A 21 -15.58 -22.61 17.15
CA GLU A 21 -14.46 -23.57 17.08
C GLU A 21 -13.09 -22.90 16.82
N ASP A 22 -13.10 -21.68 16.29
CA ASP A 22 -11.87 -20.93 15.99
C ASP A 22 -11.22 -20.35 17.25
N LEU A 23 -11.91 -20.47 18.38
CA LEU A 23 -11.51 -19.71 19.58
C LEU A 23 -10.04 -19.91 19.96
N ARG A 24 -9.60 -21.16 20.08
CA ARG A 24 -8.25 -21.38 20.60
C ARG A 24 -7.18 -20.91 19.59
N ASP A 25 -7.42 -21.08 18.30
CA ASP A 25 -6.49 -20.60 17.27
C ASP A 25 -6.38 -19.07 17.25
N LEU A 26 -7.49 -18.39 17.48
CA LEU A 26 -7.51 -16.92 17.49
C LEU A 26 -6.83 -16.34 18.74
N ILE A 27 -6.93 -17.05 19.85
CA ILE A 27 -6.18 -16.68 21.06
C ILE A 27 -4.68 -16.85 20.80
N ALA A 28 -4.33 -17.98 20.16
CA ALA A 28 -2.94 -18.24 19.76
C ALA A 28 -2.41 -17.15 18.83
N LEU A 29 -3.22 -16.75 17.85
CA LEU A 29 -2.88 -15.64 16.96
C LEU A 29 -2.64 -14.34 17.75
N GLU A 30 -3.51 -14.08 18.74
CA GLU A 30 -3.40 -12.86 19.55
C GLU A 30 -2.04 -12.84 20.28
N THR A 31 -1.67 -13.95 20.87
CA THR A 31 -0.40 -14.11 21.59
C THR A 31 0.81 -13.92 20.68
N LEU A 32 0.73 -14.46 19.46
CA LEU A 32 1.83 -14.30 18.50
C LEU A 32 1.96 -12.88 17.95
N CYS A 33 0.84 -12.18 17.80
CA CYS A 33 0.85 -10.85 17.18
C CYS A 33 1.17 -9.68 18.13
N TRP A 34 0.93 -9.87 19.42
CA TRP A 34 1.03 -8.74 20.38
C TRP A 34 1.75 -9.17 21.64
N SER A 35 2.50 -8.24 22.24
CA SER A 35 3.10 -8.50 23.55
C SER A 35 1.97 -8.67 24.57
N GLU A 36 2.29 -9.30 25.70
CA GLU A 36 1.32 -9.47 26.79
C GLU A 36 0.58 -8.17 27.17
N ASN A 37 1.30 -7.06 27.22
CA ASN A 37 0.68 -5.78 27.60
C ASN A 37 -0.33 -5.27 26.57
N LEU A 38 -0.17 -5.69 25.30
CA LEU A 38 -1.03 -5.21 24.21
C LEU A 38 -2.16 -6.14 23.81
N GLN A 39 -2.08 -7.41 24.20
CA GLN A 39 -3.10 -8.44 23.86
C GLN A 39 -4.45 -8.11 24.51
N VAL A 40 -5.54 -8.47 23.84
CA VAL A 40 -6.87 -8.48 24.49
C VAL A 40 -7.08 -9.86 25.13
N ASP A 41 -7.97 -9.96 26.09
CA ASP A 41 -8.12 -11.24 26.78
C ASP A 41 -8.98 -12.25 26.02
N ASN A 42 -8.97 -13.48 26.52
CA ASN A 42 -9.64 -14.57 25.83
C ASN A 42 -11.13 -14.29 25.75
N GLU A 43 -11.69 -13.68 26.80
CA GLU A 43 -13.12 -13.38 26.86
CA GLU A 43 -13.14 -13.44 26.80
C GLU A 43 -13.54 -12.41 25.75
N GLU A 44 -12.67 -11.47 25.43
CA GLU A 44 -12.99 -10.51 24.35
C GLU A 44 -12.94 -11.17 22.97
N ILE A 45 -11.98 -12.06 22.75
CA ILE A 45 -11.95 -12.85 21.50
C ILE A 45 -13.26 -13.65 21.38
N TYR A 46 -13.66 -14.28 22.48
CA TYR A 46 -14.93 -15.02 22.47
C TYR A 46 -16.14 -14.11 22.18
N ARG A 47 -16.23 -12.95 22.81
CA ARG A 47 -17.33 -12.01 22.53
C ARG A 47 -17.41 -11.68 21.04
N ARG A 48 -16.28 -11.40 20.42
CA ARG A 48 -16.27 -11.01 19.02
C ARG A 48 -16.85 -12.13 18.17
N ILE A 49 -16.39 -13.36 18.39
CA ILE A 49 -16.83 -14.45 17.52
C ILE A 49 -18.23 -15.00 17.86
N PHE A 50 -18.63 -14.93 19.13
CA PHE A 50 -19.96 -15.40 19.54
C PHE A 50 -21.07 -14.37 19.28
N LYS A 51 -20.83 -13.13 19.67
CA LYS A 51 -21.86 -12.09 19.61
C LYS A 51 -21.91 -11.36 18.26
N ILE A 52 -20.75 -11.15 17.64
CA ILE A 52 -20.66 -10.37 16.40
C ILE A 52 -19.85 -11.07 15.31
N PRO A 53 -20.19 -12.33 14.96
CA PRO A 53 -19.41 -13.03 13.93
C PRO A 53 -19.37 -12.30 12.59
N GLN A 54 -20.43 -11.55 12.24
CA GLN A 54 -20.50 -10.84 10.95
CA GLN A 54 -20.46 -10.88 10.94
C GLN A 54 -19.53 -9.66 10.89
N GLY A 55 -18.98 -9.28 12.04
CA GLY A 55 -18.07 -8.13 12.07
C GLY A 55 -16.60 -8.52 12.02
N GLN A 56 -16.32 -9.82 11.96
CA GLN A 56 -14.95 -10.30 11.99
C GLN A 56 -14.63 -11.14 10.76
N PHE A 57 -13.39 -11.07 10.29
CA PHE A 57 -12.93 -11.98 9.21
C PHE A 57 -11.65 -12.69 9.60
N ILE A 58 -11.61 -13.98 9.27
CA ILE A 58 -10.50 -14.86 9.56
C ILE A 58 -9.79 -15.22 8.25
N LEU A 59 -8.46 -15.21 8.28
CA LEU A 59 -7.65 -15.63 7.14
C LEU A 59 -7.03 -17.00 7.42
N GLU A 60 -7.37 -17.97 6.57
CA GLU A 60 -6.89 -19.34 6.70
C GLU A 60 -5.88 -19.70 5.62
N LEU A 61 -4.89 -20.50 6.01
CA LEU A 61 -3.95 -21.08 5.07
C LEU A 61 -3.97 -22.58 5.31
N GLU A 62 -4.71 -23.28 4.46
CA GLU A 62 -4.92 -24.73 4.55
C GLU A 62 -5.28 -25.19 5.97
N ASP A 63 -6.51 -24.85 6.37
CA ASP A 63 -7.08 -25.23 7.67
C ASP A 63 -6.32 -24.66 8.88
N LYS A 64 -5.48 -23.66 8.63
CA LYS A 64 -4.76 -23.00 9.72
C LYS A 64 -4.97 -21.49 9.65
N ILE A 65 -5.40 -20.92 10.77
CA ILE A 65 -5.62 -19.47 10.84
C ILE A 65 -4.29 -18.74 10.93
N VAL A 66 -4.10 -17.78 10.03
CA VAL A 66 -2.87 -16.98 9.96
C VAL A 66 -3.15 -15.46 10.04
N GLY A 67 -4.44 -15.11 10.10
CA GLY A 67 -4.82 -13.71 10.27
C GLY A 67 -6.26 -13.51 10.66
N ALA A 68 -6.56 -12.31 11.16
CA ALA A 68 -7.90 -11.90 11.54
C ALA A 68 -7.99 -10.38 11.55
N ILE A 69 -9.15 -9.87 11.14
CA ILE A 69 -9.46 -8.45 11.28
C ILE A 69 -10.78 -8.38 12.03
N TYR A 70 -10.79 -7.54 13.05
CA TYR A 70 -11.91 -7.49 13.97
C TYR A 70 -12.61 -6.12 14.01
N SER A 71 -13.90 -6.11 14.36
CA SER A 71 -14.65 -4.84 14.44
C SER A 71 -15.90 -4.93 15.33
N GLN A 72 -16.42 -3.78 15.72
CA GLN A 72 -17.72 -3.68 16.36
C GLN A 72 -18.37 -2.38 15.89
N ARG A 73 -19.65 -2.21 16.19
CA ARG A 73 -20.36 -1.01 15.77
C ARG A 73 -20.64 -0.14 16.99
N ILE A 74 -20.41 1.17 16.86
CA ILE A 74 -20.65 2.13 17.94
C ILE A 74 -21.42 3.34 17.40
N ASP A 75 -21.96 4.18 18.27
CA ASP A 75 -22.80 5.32 17.82
C ASP A 75 -22.03 6.50 17.24
N ASN A 76 -20.89 6.81 17.83
CA ASN A 76 -20.06 7.91 17.37
C ASN A 76 -18.68 7.83 17.99
N PRO A 77 -17.66 8.38 17.32
CA PRO A 77 -16.28 8.26 17.82
C PRO A 77 -16.00 9.05 19.10
N GLN A 78 -16.79 10.09 19.38
CA GLN A 78 -16.59 10.88 20.59
C GLN A 78 -16.74 10.07 21.86
N LEU A 79 -17.54 9.02 21.77
CA LEU A 79 -17.70 8.03 22.86
C LEU A 79 -16.40 7.37 23.30
N LEU A 80 -15.38 7.37 22.43
CA LEU A 80 -14.07 6.78 22.73
C LEU A 80 -13.21 7.69 23.61
N ASP A 81 -13.56 8.98 23.66
CA ASP A 81 -12.84 9.92 24.55
C ASP A 81 -12.87 9.44 25.99
N ASN A 82 -11.72 9.48 26.65
CA ASN A 82 -11.60 9.18 28.08
C ASN A 82 -11.94 7.72 28.43
N LYS A 83 -11.98 6.84 27.44
CA LYS A 83 -12.20 5.40 27.67
C LYS A 83 -10.89 4.61 27.62
N THR A 84 -10.86 3.46 28.27
CA THR A 84 -9.77 2.50 28.08
C THR A 84 -10.22 1.38 27.16
N CYS A 85 -9.25 0.68 26.57
CA CYS A 85 -9.53 -0.41 25.63
C CYS A 85 -10.40 -1.50 26.25
N THR A 86 -10.34 -1.69 27.57
CA THR A 86 -11.14 -2.74 28.19
C THR A 86 -12.61 -2.32 28.37
N GLN A 87 -12.89 -1.03 28.28
CA GLN A 87 -14.24 -0.52 28.37
C GLN A 87 -14.94 -0.51 27.03
N VAL A 88 -14.16 -0.40 25.95
CA VAL A 88 -14.78 -0.17 24.64
C VAL A 88 -15.76 -1.27 24.18
N PRO A 89 -15.57 -2.55 24.58
CA PRO A 89 -16.62 -3.54 24.26
C PRO A 89 -18.04 -3.14 24.71
N LEU A 90 -18.13 -2.36 25.79
CA LEU A 90 -19.44 -1.95 26.33
C LEU A 90 -20.13 -0.95 25.40
N LEU A 91 -19.37 -0.35 24.49
CA LEU A 91 -19.91 0.60 23.55
C LEU A 91 -20.61 -0.04 22.38
N HIS A 92 -20.40 -1.34 22.16
CA HIS A 92 -21.02 -1.98 21.01
C HIS A 92 -22.56 -1.81 20.97
N THR A 93 -23.09 -1.39 19.82
CA THR A 93 -24.53 -1.38 19.57
CA THR A 93 -24.53 -1.37 19.57
C THR A 93 -24.83 -1.95 18.19
N GLU A 94 -25.82 -2.84 18.14
CA GLU A 94 -26.20 -3.55 16.92
CA GLU A 94 -26.15 -3.55 16.91
C GLU A 94 -26.45 -2.60 15.74
N SER A 95 -26.96 -1.42 16.02
CA SER A 95 -27.33 -0.48 14.96
C SER A 95 -26.41 0.74 14.83
N GLY A 96 -25.24 0.66 15.45
CA GLY A 96 -24.32 1.81 15.41
C GLY A 96 -23.90 2.20 14.00
N VAL A 97 -23.90 3.50 13.71
CA VAL A 97 -23.56 3.99 12.37
C VAL A 97 -22.05 4.02 12.10
N VAL A 98 -21.24 3.77 13.14
CA VAL A 98 -19.79 3.78 12.98
C VAL A 98 -19.25 2.38 13.19
N VAL A 99 -18.45 1.88 12.25
CA VAL A 99 -17.75 0.62 12.51
C VAL A 99 -16.39 0.97 13.14
N GLN A 100 -16.12 0.41 14.31
CA GLN A 100 -14.81 0.54 14.93
C GLN A 100 -13.98 -0.71 14.63
N LEU A 101 -12.91 -0.55 13.85
CA LEU A 101 -11.97 -1.67 13.66
C LEU A 101 -11.16 -1.83 14.94
N LEU A 102 -11.09 -3.06 15.43
CA LEU A 102 -10.49 -3.31 16.73
C LEU A 102 -9.05 -3.79 16.65
N ALA A 103 -8.69 -4.46 15.55
CA ALA A 103 -7.32 -4.96 15.33
C ALA A 103 -7.21 -5.55 13.95
N VAL A 104 -6.01 -5.50 13.38
CA VAL A 104 -5.65 -6.27 12.18
C VAL A 104 -4.47 -7.15 12.59
N ASN A 105 -4.69 -8.46 12.61
CA ASN A 105 -3.67 -9.39 13.07
C ASN A 105 -3.20 -10.30 11.94
N ILE A 106 -1.89 -10.31 11.69
CA ILE A 106 -1.26 -11.20 10.71
C ILE A 106 -0.11 -11.92 11.39
N LEU A 107 -0.09 -13.24 11.29
CA LEU A 107 1.00 -14.04 11.82
C LEU A 107 2.32 -13.42 11.38
N PRO A 108 3.21 -13.10 12.34
CA PRO A 108 4.49 -12.42 12.07
C PRO A 108 5.37 -13.07 11.01
N GLU A 109 5.33 -14.40 10.91
CA GLU A 109 6.09 -15.11 9.86
C GLU A 109 5.54 -14.81 8.46
N LEU A 110 4.31 -14.27 8.41
CA LEU A 110 3.64 -13.98 7.14
C LEU A 110 3.42 -12.49 6.89
N GLN A 111 4.04 -11.65 7.71
CA GLN A 111 3.95 -10.20 7.57
C GLN A 111 4.80 -9.71 6.39
N ASN A 112 4.49 -8.51 5.90
CA ASN A 112 5.17 -7.91 4.73
C ASN A 112 5.04 -8.74 3.45
N GLN A 113 3.85 -9.30 3.25
CA GLN A 113 3.52 -10.12 2.08
C GLN A 113 2.22 -9.60 1.47
N GLY A 114 1.74 -8.48 2.00
CA GLY A 114 0.52 -7.88 1.51
C GLY A 114 -0.78 -8.41 2.09
N LEU A 115 -0.69 -9.36 3.02
CA LEU A 115 -1.90 -9.91 3.65
C LEU A 115 -2.71 -8.88 4.42
N GLY A 116 -2.02 -8.09 5.26
CA GLY A 116 -2.72 -7.06 6.02
C GLY A 116 -3.43 -6.09 5.08
N ASP A 117 -2.74 -5.66 4.02
CA ASP A 117 -3.31 -4.78 2.99
C ASP A 117 -4.62 -5.33 2.43
N ARG A 118 -4.59 -6.60 2.02
CA ARG A 118 -5.76 -7.23 1.39
C ARG A 118 -6.90 -7.38 2.38
N LEU A 119 -6.57 -7.77 3.59
CA LEU A 119 -7.56 -7.91 4.64
C LEU A 119 -8.24 -6.58 5.00
N LEU A 120 -7.44 -5.53 5.19
CA LEU A 120 -8.01 -4.20 5.43
C LEU A 120 -8.89 -3.70 4.27
N GLU A 121 -8.39 -3.80 3.04
CA GLU A 121 -9.19 -3.40 1.87
C GLU A 121 -10.52 -4.12 1.80
N PHE A 122 -10.49 -5.44 1.95
CA PHE A 122 -11.71 -6.25 1.96
C PHE A 122 -12.69 -5.77 3.04
N MET A 123 -12.16 -5.56 4.24
CA MET A 123 -12.97 -5.11 5.37
C MET A 123 -13.65 -3.77 5.07
N LEU A 124 -12.84 -2.82 4.56
CA LEU A 124 -13.34 -1.49 4.20
C LEU A 124 -14.46 -1.59 3.16
N GLN A 125 -14.24 -2.40 2.13
CA GLN A 125 -15.26 -2.62 1.12
C GLN A 125 -16.52 -3.24 1.72
N TYR A 126 -16.31 -4.22 2.59
CA TYR A 126 -17.40 -4.90 3.28
C TYR A 126 -18.25 -3.94 4.14
N CYS A 127 -17.59 -3.12 4.96
CA CYS A 127 -18.28 -2.14 5.80
C CYS A 127 -19.07 -1.11 4.98
N ALA A 128 -18.57 -0.79 3.80
CA ALA A 128 -19.20 0.22 2.94
C ALA A 128 -20.56 -0.22 2.39
N GLN A 129 -20.87 -1.51 2.51
CA GLN A 129 -22.15 -2.04 2.01
C GLN A 129 -23.06 -2.56 3.14
N ILE A 130 -22.60 -2.45 4.38
CA ILE A 130 -23.44 -2.74 5.54
C ILE A 130 -24.45 -1.60 5.64
N SER A 131 -25.73 -1.97 5.66
CA SER A 131 -26.82 -1.02 5.74
C SER A 131 -26.74 -0.21 7.05
N GLY A 132 -26.83 1.11 6.92
CA GLY A 132 -26.83 2.00 8.09
C GLY A 132 -25.46 2.50 8.54
N VAL A 133 -24.38 1.88 8.05
CA VAL A 133 -23.02 2.27 8.46
C VAL A 133 -22.58 3.48 7.65
N GLU A 134 -22.10 4.51 8.35
CA GLU A 134 -21.77 5.78 7.72
C GLU A 134 -20.26 6.06 7.63
N LYS A 135 -19.51 5.44 8.55
N LYS A 135 -19.50 5.45 8.54
CA LYS A 135 -18.13 5.81 8.86
CA LYS A 135 -18.08 5.76 8.71
C LYS A 135 -17.38 4.59 9.43
C LYS A 135 -17.38 4.59 9.38
N VAL A 136 -16.06 4.53 9.21
CA VAL A 136 -15.19 3.53 9.88
C VAL A 136 -14.09 4.30 10.62
N VAL A 137 -13.83 3.91 11.89
CA VAL A 137 -12.70 4.46 12.65
C VAL A 137 -11.89 3.31 13.26
N ALA A 138 -10.68 3.61 13.74
CA ALA A 138 -9.87 2.62 14.46
C ALA A 138 -9.04 3.34 15.49
N VAL A 139 -8.85 2.72 16.66
CA VAL A 139 -7.87 3.26 17.61
C VAL A 139 -6.64 2.38 17.51
N THR A 140 -5.63 2.90 16.83
CA THR A 140 -4.42 2.17 16.62
C THR A 140 -3.38 2.69 17.62
N LEU A 141 -2.09 2.58 17.28
CA LEU A 141 -1.02 2.99 18.22
C LEU A 141 0.24 3.12 17.41
N CYS A 142 1.25 3.80 17.97
CA CYS A 142 2.56 3.92 17.33
C CYS A 142 3.40 2.69 17.57
N ARG A 143 4.37 2.44 16.70
CA ARG A 143 5.32 1.35 16.91
CA ARG A 143 5.35 1.35 16.86
C ARG A 143 6.70 1.88 17.31
N ASN A 144 7.07 3.06 16.82
CA ASN A 144 8.45 3.55 16.97
C ASN A 144 8.60 4.85 17.77
N TYR A 145 7.59 5.21 18.56
CA TYR A 145 7.70 6.43 19.37
C TYR A 145 8.95 6.53 20.25
N PRO A 146 9.39 5.41 20.90
CA PRO A 146 10.60 5.53 21.71
C PRO A 146 11.85 6.05 20.97
N ASP A 147 11.90 5.89 19.65
CA ASP A 147 13.01 6.41 18.82
C ASP A 147 12.96 7.94 18.68
N TYR A 148 11.79 8.52 18.94
CA TYR A 148 11.55 9.95 18.74
C TYR A 148 11.31 10.72 20.04
N SER A 149 11.00 10.01 21.11
CA SER A 149 10.86 10.62 22.43
C SER A 149 12.12 11.44 22.72
N PRO A 150 11.97 12.65 23.30
CA PRO A 150 10.78 13.31 23.83
C PRO A 150 10.01 14.26 22.87
N MET A 151 10.13 14.09 21.56
CA MET A 151 9.27 14.86 20.66
C MET A 151 7.84 14.57 21.13
N PRO A 152 6.99 15.60 21.32
CA PRO A 152 5.61 15.34 21.74
C PRO A 152 4.87 14.37 20.80
N MET A 153 4.13 13.40 21.36
CA MET A 153 3.42 12.42 20.52
CA MET A 153 3.40 12.44 20.55
C MET A 153 2.45 13.13 19.58
N ALA A 154 1.86 14.23 20.03
CA ALA A 154 0.91 14.95 19.16
C ALA A 154 1.55 15.44 17.85
N GLU A 155 2.86 15.69 17.88
CA GLU A 155 3.62 16.08 16.70
CA GLU A 155 3.58 16.10 16.69
C GLU A 155 4.09 14.87 15.93
N TYR A 156 4.60 13.88 16.68
CA TYR A 156 5.10 12.65 16.08
C TYR A 156 4.10 11.93 15.15
N ILE A 157 2.84 11.88 15.57
CA ILE A 157 1.81 11.14 14.78
C ILE A 157 1.53 11.76 13.41
N HIS A 158 1.98 13.00 13.18
CA HIS A 158 1.86 13.65 11.86
C HIS A 158 3.16 13.76 11.08
N GLN A 159 4.25 13.26 11.69
CA GLN A 159 5.58 13.38 11.12
C GLN A 159 5.73 12.52 9.86
N LYS A 160 5.90 13.24 8.76
N LYS A 160 6.42 13.01 8.80
CA LYS A 160 5.97 12.64 7.46
CA LYS A 160 6.61 12.24 7.50
C LYS A 160 7.37 12.88 7.03
C LYS A 160 8.03 11.85 6.91
N ASN A 161 7.90 11.94 6.28
N ASN A 161 8.07 10.83 6.04
CA ASN A 161 9.17 12.12 5.67
CA ASN A 161 9.26 10.45 5.25
C ASN A 161 9.02 13.12 4.51
C ASN A 161 9.30 11.23 3.91
N GLU A 162 10.11 13.37 3.80
N GLU A 162 10.31 10.99 3.06
CA GLU A 162 10.11 14.34 2.71
CA GLU A 162 10.41 11.75 1.79
C GLU A 162 9.12 13.99 1.59
C GLU A 162 9.37 11.36 0.74
N SER A 163 8.81 12.70 1.43
N SER A 163 8.57 10.34 1.05
CA SER A 163 7.89 12.30 0.35
CA SER A 163 7.49 9.93 0.20
C SER A 163 6.43 12.20 0.82
C SER A 163 6.24 10.74 0.50
N GLY A 164 6.21 12.32 2.12
N GLY A 164 6.25 11.40 1.65
CA GLY A 164 4.86 12.43 2.66
CA GLY A 164 5.05 12.11 2.13
C GLY A 164 4.23 11.23 3.37
C GLY A 164 4.27 11.21 3.09
N LEU A 165 4.87 10.05 3.36
CA LEU A 165 4.31 8.98 4.20
C LEU A 165 4.67 9.21 5.65
N LEU A 166 3.80 8.78 6.57
CA LEU A 166 4.07 8.95 7.97
C LEU A 166 5.30 8.11 8.37
N VAL A 167 6.14 8.66 9.25
CA VAL A 167 7.34 7.93 9.70
C VAL A 167 7.00 6.67 10.51
N ASP A 168 5.92 6.72 11.28
CA ASP A 168 5.57 5.55 12.08
C ASP A 168 4.95 4.44 11.22
N PRO A 169 5.52 3.23 11.27
CA PRO A 169 5.05 2.19 10.36
C PRO A 169 3.60 1.73 10.58
N LEU A 170 3.12 1.70 11.82
CA LEU A 170 1.73 1.33 12.07
CA LEU A 170 1.72 1.33 12.03
C LEU A 170 0.77 2.43 11.57
N LEU A 171 1.08 3.69 11.85
CA LEU A 171 0.25 4.77 11.32
C LEU A 171 0.30 4.80 9.79
N ARG A 172 1.48 4.55 9.23
CA ARG A 172 1.63 4.53 7.77
CA ARG A 172 1.64 4.53 7.77
C ARG A 172 0.73 3.49 7.11
N PHE A 173 0.63 2.31 7.72
CA PHE A 173 -0.24 1.24 7.21
C PHE A 173 -1.67 1.76 7.02
N HIS A 174 -2.20 2.46 8.02
CA HIS A 174 -3.54 3.02 7.93
C HIS A 174 -3.61 4.15 6.89
N GLN A 175 -2.62 5.04 6.93
CA GLN A 175 -2.52 6.13 5.95
C GLN A 175 -2.61 5.62 4.51
N ILE A 176 -1.81 4.61 4.18
CA ILE A 176 -1.77 4.19 2.78
C ILE A 176 -3.09 3.56 2.35
N HIS A 177 -3.93 3.20 3.32
CA HIS A 177 -5.28 2.69 3.00
C HIS A 177 -6.37 3.76 3.07
N GLY A 178 -5.93 5.02 3.15
CA GLY A 178 -6.85 6.15 3.11
C GLY A 178 -7.28 6.73 4.46
N ALA A 179 -6.62 6.31 5.56
CA ALA A 179 -6.97 6.83 6.89
C ALA A 179 -6.55 8.29 7.08
N LYS A 180 -7.34 9.01 7.87
CA LYS A 180 -7.00 10.36 8.36
C LYS A 180 -6.63 10.21 9.83
N ILE A 181 -5.49 10.76 10.24
CA ILE A 181 -5.04 10.73 11.65
C ILE A 181 -5.87 11.81 12.35
N GLU A 182 -6.69 11.43 13.33
CA GLU A 182 -7.58 12.37 13.98
C GLU A 182 -6.94 13.00 15.20
N LYS A 183 -6.57 12.16 16.18
CA LYS A 183 -6.03 12.70 17.43
C LYS A 183 -5.50 11.61 18.33
N LEU A 184 -4.75 12.01 19.35
CA LEU A 184 -4.35 11.08 20.41
C LEU A 184 -5.56 10.76 21.30
N LEU A 185 -5.58 9.54 21.84
CA LEU A 185 -6.52 9.14 22.89
C LEU A 185 -5.70 8.74 24.12
N PRO A 186 -5.34 9.74 24.97
CA PRO A 186 -4.55 9.43 26.16
C PRO A 186 -5.28 8.45 27.07
N GLY A 187 -4.52 7.51 27.61
CA GLY A 187 -5.08 6.53 28.55
C GLY A 187 -5.91 5.39 27.94
N TYR A 188 -5.89 5.27 26.61
CA TYR A 188 -6.61 4.18 25.93
C TYR A 188 -5.99 2.82 26.30
N ARG A 189 -4.66 2.75 26.43
CA ARG A 189 -3.99 1.51 26.83
C ARG A 189 -3.08 1.74 28.02
N PRO A 190 -3.66 1.66 29.24
CA PRO A 190 -2.89 1.87 30.48
C PRO A 190 -1.58 1.10 30.60
N LYS A 191 -1.48 -0.07 29.98
CA LYS A 191 -0.26 -0.89 30.02
C LYS A 191 0.76 -0.61 28.91
N ASP A 192 0.39 0.26 27.96
CA ASP A 192 1.28 0.60 26.81
C ASP A 192 2.24 1.74 27.16
N TRP A 193 3.27 1.43 27.95
CA TRP A 193 4.17 2.45 28.46
C TRP A 193 5.05 3.09 27.38
N GLU A 194 5.36 2.36 26.30
CA GLU A 194 6.18 2.95 25.22
C GLU A 194 5.46 4.09 24.54
N ASN A 195 4.12 4.02 24.51
CA ASN A 195 3.30 5.08 23.96
C ASN A 195 2.67 5.95 25.03
N GLN A 196 3.17 5.85 26.27
CA GLN A 196 2.66 6.64 27.39
C GLN A 196 1.12 6.49 27.51
N THR A 197 0.62 5.27 27.24
CA THR A 197 -0.81 4.92 27.30
C THR A 197 -1.68 5.39 26.15
N CYS A 198 -1.13 6.16 25.22
CA CYS A 198 -1.94 6.82 24.20
CA CYS A 198 -1.92 6.82 24.22
C CYS A 198 -2.27 5.93 23.04
N GLY A 199 -3.56 5.92 22.66
CA GLY A 199 -3.99 5.32 21.39
C GLY A 199 -3.97 6.44 20.36
N VAL A 200 -4.11 6.08 19.09
CA VAL A 200 -4.25 7.07 18.02
C VAL A 200 -5.54 6.78 17.25
N LEU A 201 -6.46 7.74 17.29
CA LEU A 201 -7.71 7.60 16.53
C LEU A 201 -7.45 7.96 15.07
N VAL A 202 -7.86 7.07 14.16
CA VAL A 202 -7.85 7.35 12.73
C VAL A 202 -9.25 7.08 12.17
N SER A 203 -9.58 7.69 11.05
CA SER A 203 -10.88 7.51 10.42
C SER A 203 -10.76 7.23 8.94
N TYR A 204 -11.76 6.53 8.41
CA TYR A 204 -11.85 6.21 7.00
C TYR A 204 -13.17 6.75 6.47
N ASP A 205 -13.07 7.49 5.38
CA ASP A 205 -14.23 7.98 4.66
C ASP A 205 -14.55 6.91 3.64
N ILE A 206 -15.71 6.29 3.77
CA ILE A 206 -16.06 5.15 2.93
C ILE A 206 -17.10 5.53 1.85
N GLN A 207 -17.42 6.81 1.75
CA GLN A 207 -18.54 7.25 0.91
C GLN A 207 -18.35 6.99 -0.59
N HIS A 208 -17.10 7.00 -1.04
CA HIS A 208 -16.78 6.69 -2.45
C HIS A 208 -17.00 5.20 -2.78
N ARG A 209 -16.99 4.35 -1.76
CA ARG A 209 -17.12 2.90 -1.95
C ARG A 209 -18.55 2.44 -2.24
N ASN B 11 -6.49 -19.02 -7.95
CA ASN B 11 -5.51 -18.00 -8.43
C ASN B 11 -4.05 -18.42 -8.22
N TYR B 12 -3.59 -19.31 -9.08
CA TYR B 12 -2.23 -19.86 -9.02
C TYR B 12 -1.27 -19.01 -9.86
N TYR B 13 -0.58 -18.08 -9.19
CA TYR B 13 0.37 -17.20 -9.89
C TYR B 13 1.79 -17.76 -9.88
N ASN B 14 2.43 -17.68 -11.05
CA ASN B 14 3.84 -17.99 -11.22
C ASN B 14 4.55 -16.75 -11.70
N LEU B 15 5.74 -16.51 -11.16
CA LEU B 15 6.59 -15.41 -11.57
C LEU B 15 7.90 -15.97 -12.06
N ARG B 16 8.34 -15.50 -13.23
CA ARG B 16 9.53 -16.05 -13.87
C ARG B 16 10.11 -15.03 -14.83
N HIS B 17 11.37 -15.22 -15.22
CA HIS B 17 11.95 -14.42 -16.29
C HIS B 17 11.35 -14.82 -17.64
N PRO B 18 11.29 -13.86 -18.59
CA PRO B 18 10.74 -14.11 -19.91
C PRO B 18 11.63 -14.99 -20.78
N LYS B 19 11.01 -15.61 -21.77
CA LYS B 19 11.70 -16.28 -22.85
C LYS B 19 11.17 -15.68 -24.15
N ILE B 20 11.93 -15.84 -25.22
CA ILE B 20 11.56 -15.32 -26.55
C ILE B 20 10.14 -15.78 -26.95
N GLU B 21 9.78 -17.00 -26.53
CA GLU B 21 8.44 -17.57 -26.75
CA GLU B 21 8.45 -17.56 -26.76
C GLU B 21 7.32 -16.65 -26.25
N ASP B 22 7.61 -15.85 -25.23
CA ASP B 22 6.62 -14.94 -24.65
C ASP B 22 6.36 -13.68 -25.48
N LEU B 23 7.18 -13.44 -26.51
CA LEU B 23 7.08 -12.18 -27.27
C LEU B 23 5.64 -11.81 -27.65
N ARG B 24 4.92 -12.73 -28.27
CA ARG B 24 3.60 -12.38 -28.80
C ARG B 24 2.59 -12.04 -27.70
N ASP B 25 2.61 -12.80 -26.60
CA ASP B 25 1.74 -12.48 -25.46
C ASP B 25 2.10 -11.16 -24.79
N LEU B 26 3.39 -10.82 -24.79
CA LEU B 26 3.87 -9.57 -24.15
C LEU B 26 3.51 -8.33 -24.99
N ILE B 27 3.53 -8.50 -26.31
CA ILE B 27 3.00 -7.49 -27.24
C ILE B 27 1.50 -7.29 -27.00
N ALA B 28 0.73 -8.38 -26.92
CA ALA B 28 -0.70 -8.34 -26.59
C ALA B 28 -0.96 -7.62 -25.26
N LEU B 29 -0.17 -7.95 -24.25
CA LEU B 29 -0.28 -7.32 -22.94
C LEU B 29 -0.02 -5.80 -23.04
N GLU B 30 0.98 -5.42 -23.83
CA GLU B 30 1.32 -4.01 -24.04
C GLU B 30 0.13 -3.25 -24.61
N THR B 31 -0.49 -3.82 -25.63
CA THR B 31 -1.67 -3.24 -26.29
C THR B 31 -2.87 -3.13 -25.33
N LEU B 32 -3.09 -4.17 -24.52
CA LEU B 32 -4.17 -4.14 -23.52
C LEU B 32 -3.93 -3.18 -22.35
N CYS B 33 -2.68 -2.92 -22.00
CA CYS B 33 -2.38 -2.10 -20.81
C CYS B 33 -2.22 -0.61 -21.09
N TRP B 34 -1.91 -0.26 -22.33
CA TRP B 34 -1.60 1.13 -22.68
C TRP B 34 -2.25 1.53 -23.98
N SER B 35 -2.63 2.80 -24.09
CA SER B 35 -3.19 3.31 -25.33
C SER B 35 -2.10 3.33 -26.38
N GLU B 36 -2.49 3.45 -27.65
CA GLU B 36 -1.54 3.47 -28.75
C GLU B 36 -0.40 4.47 -28.59
N ASN B 37 -0.72 5.66 -28.07
CA ASN B 37 0.28 6.72 -27.88
CA ASN B 37 0.30 6.70 -27.91
C ASN B 37 1.29 6.44 -26.76
N LEU B 38 0.94 5.51 -25.85
CA LEU B 38 1.79 5.16 -24.70
C LEU B 38 2.56 3.84 -24.80
N GLN B 39 2.16 2.94 -25.70
CA GLN B 39 2.80 1.63 -25.89
C GLN B 39 4.27 1.78 -26.34
N VAL B 40 5.13 0.85 -25.93
CA VAL B 40 6.43 0.71 -26.60
C VAL B 40 6.27 -0.26 -27.76
N ASP B 41 7.20 -0.22 -28.70
CA ASP B 41 7.09 -1.05 -29.89
C ASP B 41 7.61 -2.47 -29.70
N ASN B 42 7.36 -3.31 -30.70
CA ASN B 42 7.69 -4.73 -30.64
C ASN B 42 9.21 -4.93 -30.49
N GLU B 43 9.99 -4.04 -31.10
CA GLU B 43 11.44 -4.15 -31.09
C GLU B 43 11.93 -3.94 -29.64
N GLU B 44 11.25 -3.06 -28.91
CA GLU B 44 11.61 -2.82 -27.51
C GLU B 44 11.20 -3.95 -26.56
N ILE B 45 10.00 -4.51 -26.75
CA ILE B 45 9.62 -5.70 -25.97
C ILE B 45 10.66 -6.81 -26.23
N TYR B 46 11.06 -6.99 -27.49
CA TYR B 46 12.03 -8.05 -27.83
C TYR B 46 13.37 -7.81 -27.14
N ARG B 47 13.89 -6.56 -27.24
CA ARG B 47 15.17 -6.21 -26.60
C ARG B 47 15.16 -6.58 -25.13
N ARG B 48 14.10 -6.21 -24.42
CA ARG B 48 14.02 -6.47 -22.98
C ARG B 48 14.12 -7.97 -22.70
N ILE B 49 13.41 -8.79 -23.48
CA ILE B 49 13.40 -10.23 -23.19
C ILE B 49 14.62 -10.99 -23.70
N PHE B 50 15.27 -10.43 -24.72
CA PHE B 50 16.41 -11.08 -25.37
C PHE B 50 17.75 -10.60 -24.84
N LYS B 51 17.91 -9.28 -24.73
CA LYS B 51 19.15 -8.71 -24.18
C LYS B 51 19.19 -8.72 -22.66
N ILE B 52 18.06 -8.47 -22.02
CA ILE B 52 18.08 -8.28 -20.55
C ILE B 52 17.05 -9.16 -19.83
N PRO B 53 17.01 -10.48 -20.14
CA PRO B 53 15.91 -11.27 -19.56
C PRO B 53 15.88 -11.24 -18.03
N GLN B 54 17.04 -11.04 -17.42
CA GLN B 54 17.12 -11.09 -15.96
CA GLN B 54 17.26 -11.02 -15.96
C GLN B 54 16.65 -9.80 -15.29
N GLY B 55 16.30 -8.80 -16.10
CA GLY B 55 15.70 -7.58 -15.57
C GLY B 55 14.19 -7.53 -15.69
N GLN B 56 13.59 -8.59 -16.23
CA GLN B 56 12.15 -8.60 -16.47
C GLN B 56 11.51 -9.76 -15.72
N PHE B 57 10.30 -9.54 -15.22
CA PHE B 57 9.55 -10.59 -14.56
C PHE B 57 8.14 -10.67 -15.12
N ILE B 58 7.76 -11.89 -15.47
CA ILE B 58 6.49 -12.17 -16.11
C ILE B 58 5.57 -12.83 -15.08
N LEU B 59 4.31 -12.40 -15.03
CA LEU B 59 3.35 -12.96 -14.10
C LEU B 59 2.33 -13.83 -14.84
N GLU B 60 2.21 -15.09 -14.44
CA GLU B 60 1.27 -16.00 -15.07
C GLU B 60 0.11 -16.38 -14.18
N LEU B 61 -1.07 -16.49 -14.78
CA LEU B 61 -2.22 -17.10 -14.14
C LEU B 61 -2.53 -18.35 -14.97
N GLU B 62 -2.28 -19.50 -14.36
CA GLU B 62 -2.21 -20.78 -15.09
C GLU B 62 -1.02 -20.69 -16.05
N ASP B 63 -1.25 -21.04 -17.32
CA ASP B 63 -0.22 -20.94 -18.36
C ASP B 63 -0.41 -19.68 -19.20
N LYS B 64 -1.02 -18.65 -18.60
CA LYS B 64 -1.34 -17.41 -19.31
C LYS B 64 -0.66 -16.18 -18.66
N ILE B 65 -0.01 -15.37 -19.47
CA ILE B 65 0.63 -14.13 -18.99
C ILE B 65 -0.42 -13.07 -18.73
N VAL B 66 -0.42 -12.52 -17.51
CA VAL B 66 -1.38 -11.48 -17.10
C VAL B 66 -0.71 -10.22 -16.56
N GLY B 67 0.63 -10.25 -16.50
CA GLY B 67 1.39 -9.11 -16.00
C GLY B 67 2.86 -9.23 -16.36
N ALA B 68 3.54 -8.10 -16.30
CA ALA B 68 4.98 -8.02 -16.48
C ALA B 68 5.52 -6.76 -15.82
N ILE B 69 6.71 -6.87 -15.26
CA ILE B 69 7.42 -5.68 -14.78
C ILE B 69 8.75 -5.67 -15.52
N TYR B 70 9.11 -4.51 -16.04
CA TYR B 70 10.28 -4.38 -16.92
C TYR B 70 11.31 -3.42 -16.35
N SER B 71 12.58 -3.64 -16.69
CA SER B 71 13.66 -2.77 -16.20
C SER B 71 14.89 -2.82 -17.08
N GLN B 72 15.74 -1.81 -16.94
CA GLN B 72 17.12 -1.87 -17.42
C GLN B 72 18.05 -1.27 -16.35
N ARG B 73 19.35 -1.26 -16.61
CA ARG B 73 20.29 -0.65 -15.67
C ARG B 73 20.97 0.54 -16.33
N ILE B 74 21.13 1.64 -15.60
CA ILE B 74 21.77 2.86 -16.14
C ILE B 74 22.81 3.39 -15.14
N ASP B 75 23.72 4.26 -15.60
CA ASP B 75 24.82 4.74 -14.75
C ASP B 75 24.36 5.76 -13.70
N ASN B 76 23.42 6.62 -14.08
CA ASN B 76 22.94 7.69 -13.20
CA ASN B 76 23.01 7.77 -13.25
C ASN B 76 21.68 8.32 -13.78
N PRO B 77 20.78 8.79 -12.88
CA PRO B 77 19.50 9.32 -13.41
C PRO B 77 19.62 10.65 -14.16
N GLN B 78 20.71 11.40 -13.97
CA GLN B 78 20.87 12.65 -14.70
CA GLN B 78 20.99 12.64 -14.73
C GLN B 78 20.94 12.41 -16.23
N LEU B 79 21.37 11.22 -16.64
CA LEU B 79 21.39 10.84 -18.05
C LEU B 79 20.00 10.81 -18.72
N LEU B 80 18.93 10.82 -17.92
CA LEU B 80 17.56 10.86 -18.47
C LEU B 80 17.15 12.29 -18.82
N ASP B 81 17.87 13.27 -18.30
CA ASP B 81 17.52 14.67 -18.58
C ASP B 81 17.51 14.93 -20.08
N ASN B 82 16.44 15.55 -20.55
CA ASN B 82 16.30 15.98 -21.95
C ASN B 82 16.42 14.86 -22.99
N LYS B 83 16.08 13.64 -22.57
CA LYS B 83 15.94 12.50 -23.49
C LYS B 83 14.47 12.25 -23.76
N THR B 84 14.20 11.67 -24.92
CA THR B 84 12.89 11.09 -25.22
C THR B 84 12.85 9.61 -24.85
N CYS B 85 11.66 9.08 -24.66
CA CYS B 85 11.51 7.66 -24.30
C CYS B 85 12.15 6.69 -25.31
N THR B 86 12.22 7.08 -26.58
CA THR B 86 12.83 6.20 -27.58
C THR B 86 14.36 6.19 -27.54
N GLN B 87 14.95 7.19 -26.88
CA GLN B 87 16.40 7.19 -26.68
C GLN B 87 16.85 6.42 -25.46
N VAL B 88 15.92 6.23 -24.54
CA VAL B 88 16.21 5.60 -23.25
C VAL B 88 16.87 4.20 -23.30
N PRO B 89 16.43 3.32 -24.23
CA PRO B 89 17.07 2.00 -24.33
C PRO B 89 18.58 2.04 -24.49
N LEU B 90 19.08 3.11 -25.09
CA LEU B 90 20.51 3.25 -25.38
C LEU B 90 21.34 3.46 -24.12
N LEU B 91 20.67 3.77 -23.01
CA LEU B 91 21.36 4.03 -21.77
C LEU B 91 21.72 2.74 -21.06
N HIS B 92 21.14 1.63 -21.49
CA HIS B 92 21.33 0.40 -20.74
C HIS B 92 22.80 0.01 -20.69
N THR B 93 23.27 -0.26 -19.48
CA THR B 93 24.61 -0.79 -19.28
C THR B 93 24.58 -1.89 -18.24
N GLU B 94 25.20 -3.03 -18.55
CA GLU B 94 25.10 -4.22 -17.71
C GLU B 94 25.54 -3.97 -16.27
N SER B 95 26.49 -3.07 -16.08
CA SER B 95 27.03 -2.77 -14.75
C SER B 95 26.45 -1.51 -14.10
N GLY B 96 25.41 -0.92 -14.71
CA GLY B 96 24.85 0.31 -14.17
C GLY B 96 24.36 0.17 -12.74
N VAL B 97 24.70 1.14 -11.91
CA VAL B 97 24.34 1.11 -10.48
C VAL B 97 22.90 1.53 -10.20
N VAL B 98 22.20 2.01 -11.22
CA VAL B 98 20.80 2.43 -11.08
C VAL B 98 19.93 1.47 -11.91
N VAL B 99 18.94 0.84 -11.27
CA VAL B 99 17.92 0.09 -12.03
C VAL B 99 16.83 1.09 -12.41
N GLN B 100 16.51 1.14 -13.70
CA GLN B 100 15.42 1.99 -14.17
C GLN B 100 14.25 1.06 -14.47
N LEU B 101 13.17 1.19 -13.70
CA LEU B 101 11.95 0.43 -13.97
C LEU B 101 11.30 1.08 -15.16
N LEU B 102 10.97 0.28 -16.17
CA LEU B 102 10.45 0.83 -17.43
C LEU B 102 8.92 0.78 -17.54
N ALA B 103 8.29 -0.17 -16.84
CA ALA B 103 6.83 -0.28 -16.83
C ALA B 103 6.37 -1.33 -15.84
N VAL B 104 5.16 -1.15 -15.30
CA VAL B 104 4.46 -2.21 -14.57
C VAL B 104 3.16 -2.45 -15.30
N ASN B 105 3.06 -3.61 -15.96
CA ASN B 105 1.90 -3.99 -16.75
C ASN B 105 1.06 -5.05 -16.05
N ILE B 106 -0.19 -4.73 -15.76
CA ILE B 106 -1.15 -5.69 -15.21
C ILE B 106 -2.38 -5.66 -16.09
N LEU B 107 -2.79 -6.84 -16.56
CA LEU B 107 -3.97 -6.96 -17.40
C LEU B 107 -5.15 -6.29 -16.69
N PRO B 108 -5.86 -5.39 -17.40
CA PRO B 108 -6.88 -4.51 -16.82
C PRO B 108 -7.98 -5.20 -15.99
N GLU B 109 -8.29 -6.46 -16.30
CA GLU B 109 -9.31 -7.21 -15.58
C GLU B 109 -8.77 -7.85 -14.29
N LEU B 110 -7.45 -7.88 -14.14
CA LEU B 110 -6.80 -8.36 -12.93
C LEU B 110 -6.27 -7.19 -12.10
N GLN B 111 -6.61 -5.98 -12.53
CA GLN B 111 -6.21 -4.76 -11.84
C GLN B 111 -6.96 -4.52 -10.52
N ASN B 112 -6.44 -3.58 -9.72
CA ASN B 112 -6.90 -3.32 -8.34
C ASN B 112 -7.20 -4.53 -7.46
N GLN B 113 -6.35 -5.55 -7.58
CA GLN B 113 -6.40 -6.75 -6.77
C GLN B 113 -5.07 -6.97 -6.08
N GLY B 114 -4.20 -5.96 -6.11
CA GLY B 114 -2.93 -6.01 -5.42
C GLY B 114 -1.80 -6.65 -6.20
N LEU B 115 -2.04 -7.00 -7.46
CA LEU B 115 -0.99 -7.63 -8.26
C LEU B 115 0.15 -6.66 -8.57
N GLY B 116 -0.19 -5.44 -8.96
CA GLY B 116 0.83 -4.41 -9.19
C GLY B 116 1.69 -4.19 -7.97
N ASP B 117 1.04 -4.03 -6.81
CA ASP B 117 1.73 -3.89 -5.52
C ASP B 117 2.69 -5.06 -5.29
N ARG B 118 2.18 -6.28 -5.41
CA ARG B 118 3.01 -7.47 -5.15
C ARG B 118 4.19 -7.51 -6.11
N LEU B 119 3.93 -7.18 -7.38
CA LEU B 119 4.97 -7.18 -8.40
C LEU B 119 6.05 -6.13 -8.15
N LEU B 120 5.64 -4.92 -7.78
CA LEU B 120 6.62 -3.86 -7.54
C LEU B 120 7.45 -4.19 -6.30
N GLU B 121 6.79 -4.65 -5.24
CA GLU B 121 7.49 -5.05 -3.99
C GLU B 121 8.53 -6.13 -4.26
N PHE B 122 8.13 -7.14 -5.01
CA PHE B 122 9.06 -8.20 -5.44
C PHE B 122 10.25 -7.66 -6.21
N MET B 123 10.00 -6.78 -7.18
CA MET B 123 11.06 -6.20 -7.99
C MET B 123 12.02 -5.37 -7.14
N LEU B 124 11.46 -4.55 -6.26
CA LEU B 124 12.25 -3.72 -5.37
C LEU B 124 13.16 -4.60 -4.51
N GLN B 125 12.58 -5.65 -3.94
CA GLN B 125 13.37 -6.56 -3.12
C GLN B 125 14.45 -7.24 -3.96
N TYR B 126 14.10 -7.70 -5.15
CA TYR B 126 15.05 -8.33 -6.07
C TYR B 126 16.23 -7.40 -6.42
N CYS B 127 15.91 -6.15 -6.80
CA CYS B 127 16.93 -5.14 -7.10
C CYS B 127 17.86 -4.87 -5.94
N ALA B 128 17.32 -4.87 -4.73
CA ALA B 128 18.11 -4.66 -3.52
C ALA B 128 19.07 -5.82 -3.20
N GLN B 129 18.92 -6.95 -3.87
CA GLN B 129 19.86 -8.06 -3.68
C GLN B 129 20.81 -8.20 -4.86
N ILE B 130 20.67 -7.33 -5.86
CA ILE B 130 21.58 -7.34 -7.02
C ILE B 130 22.89 -6.65 -6.64
N SER B 131 24.00 -7.32 -6.96
CA SER B 131 25.33 -6.79 -6.65
C SER B 131 25.67 -5.51 -7.42
N GLY B 132 26.00 -4.47 -6.68
CA GLY B 132 26.41 -3.21 -7.27
C GLY B 132 25.28 -2.28 -7.67
N VAL B 133 24.03 -2.64 -7.35
CA VAL B 133 22.89 -1.74 -7.53
C VAL B 133 22.69 -0.90 -6.27
N GLU B 134 22.57 0.41 -6.45
CA GLU B 134 22.51 1.36 -5.35
C GLU B 134 21.15 2.02 -5.17
N LYS B 135 20.38 2.06 -6.26
CA LYS B 135 19.27 3.00 -6.37
C LYS B 135 18.30 2.43 -7.40
N VAL B 136 17.00 2.69 -7.23
CA VAL B 136 16.07 2.44 -8.35
C VAL B 136 15.24 3.67 -8.68
N VAL B 137 15.05 3.90 -9.99
CA VAL B 137 14.25 5.02 -10.47
C VAL B 137 13.23 4.55 -11.48
N ALA B 138 12.23 5.39 -11.78
CA ALA B 138 11.25 5.11 -12.80
C ALA B 138 10.81 6.45 -13.39
N VAL B 139 10.54 6.47 -14.69
CA VAL B 139 9.93 7.64 -15.30
C VAL B 139 8.49 7.25 -15.58
N THR B 140 7.58 7.69 -14.72
CA THR B 140 6.17 7.35 -14.84
C THR B 140 5.44 8.54 -15.47
N LEU B 141 4.14 8.69 -15.20
CA LEU B 141 3.32 9.75 -15.85
C LEU B 141 2.07 9.89 -15.02
N CYS B 142 1.28 10.93 -15.30
CA CYS B 142 0.05 11.19 -14.58
C CYS B 142 -1.13 10.58 -15.33
N ARG B 143 -2.24 10.45 -14.64
CA ARG B 143 -3.48 9.92 -15.20
C ARG B 143 -4.53 11.00 -15.20
N ASN B 144 -4.53 11.86 -14.18
CA ASN B 144 -5.64 12.78 -14.00
C ASN B 144 -5.31 14.26 -14.12
N TYR B 145 -4.16 14.59 -14.71
CA TYR B 145 -3.72 15.98 -14.80
C TYR B 145 -4.75 16.95 -15.39
N PRO B 146 -5.45 16.56 -16.49
CA PRO B 146 -6.47 17.49 -17.03
C PRO B 146 -7.60 17.85 -16.05
N ASP B 147 -7.89 17.00 -15.08
CA ASP B 147 -8.94 17.27 -14.07
C ASP B 147 -8.58 18.46 -13.19
N TYR B 148 -7.31 18.84 -13.21
CA TYR B 148 -6.76 19.87 -12.32
C TYR B 148 -6.39 21.18 -13.01
N SER B 149 -6.82 21.33 -14.27
N SER B 149 -6.70 21.30 -14.30
CA SER B 149 -6.59 22.56 -15.04
CA SER B 149 -6.35 22.54 -15.01
C SER B 149 -7.15 23.78 -14.31
C SER B 149 -7.08 23.74 -14.38
N PRO B 150 -6.41 24.91 -14.33
CA PRO B 150 -5.11 25.16 -14.97
C PRO B 150 -3.85 24.96 -14.12
N MET B 151 -3.93 24.13 -13.07
CA MET B 151 -2.74 23.87 -12.27
CA MET B 151 -2.74 23.84 -12.25
C MET B 151 -1.57 23.39 -13.14
N PRO B 152 -0.40 24.03 -13.00
CA PRO B 152 0.77 23.56 -13.72
C PRO B 152 1.20 22.17 -13.30
N MET B 153 1.76 21.44 -14.27
CA MET B 153 2.19 20.06 -14.07
C MET B 153 3.24 20.00 -12.97
N ALA B 154 4.19 20.93 -12.97
CA ALA B 154 5.25 20.96 -11.96
C ALA B 154 4.73 21.00 -10.51
N GLU B 155 3.55 21.58 -10.31
CA GLU B 155 2.90 21.58 -9.01
C GLU B 155 1.97 20.40 -8.83
N TYR B 156 1.27 20.01 -9.90
CA TYR B 156 0.33 18.90 -9.79
C TYR B 156 1.00 17.61 -9.27
N ILE B 157 2.26 17.38 -9.67
CA ILE B 157 2.94 16.09 -9.33
C ILE B 157 3.27 15.98 -7.84
N HIS B 158 3.13 17.10 -7.12
CA HIS B 158 3.31 17.14 -5.65
C HIS B 158 2.01 17.37 -4.89
N GLN B 159 0.89 17.51 -5.60
CA GLN B 159 -0.43 17.76 -4.99
C GLN B 159 -0.91 16.54 -4.16
N LYS B 160 -1.12 16.79 -2.87
N LYS B 160 -1.38 16.77 -2.94
CA LYS B 160 -1.43 15.78 -1.88
CA LYS B 160 -1.85 15.69 -2.04
C LYS B 160 -2.71 16.21 -1.19
C LYS B 160 -3.32 15.82 -1.55
N ASN B 161 -3.54 15.24 -0.85
N ASN B 161 -3.85 14.73 -0.97
CA ASN B 161 -4.72 15.56 -0.08
CA ASN B 161 -5.18 14.77 -0.34
C ASN B 161 -4.33 15.92 1.35
C ASN B 161 -5.12 14.81 1.20
N GLU B 162 -5.34 16.10 2.19
N GLU B 162 -6.28 14.77 1.85
CA GLU B 162 -5.17 16.51 3.57
CA GLU B 162 -6.36 14.72 3.32
C GLU B 162 -4.34 15.52 4.40
C GLU B 162 -5.52 13.58 3.83
N SER B 163 -4.37 14.25 4.04
N SER B 163 -5.12 12.73 2.91
CA SER B 163 -3.67 13.27 4.87
CA SER B 163 -4.47 11.50 3.25
C SER B 163 -2.31 12.87 4.27
C SER B 163 -2.96 11.67 3.46
N GLY B 164 -1.99 13.48 3.12
N GLY B 164 -2.42 12.75 2.90
CA GLY B 164 -0.69 13.30 2.48
CA GLY B 164 -0.97 12.93 2.77
C GLY B 164 -0.51 12.39 1.27
C GLY B 164 -0.54 12.22 1.50
N LEU B 165 -1.56 11.67 0.83
CA LEU B 165 -1.44 10.85 -0.36
C LEU B 165 -1.55 11.69 -1.61
N LEU B 166 -0.73 11.40 -2.62
CA LEU B 166 -0.74 12.17 -3.86
C LEU B 166 -2.10 11.98 -4.53
N VAL B 167 -2.63 13.07 -5.09
CA VAL B 167 -3.94 12.99 -5.74
C VAL B 167 -3.91 12.15 -6.99
N ASP B 168 -2.79 12.18 -7.72
CA ASP B 168 -2.73 11.41 -8.95
C ASP B 168 -2.58 9.93 -8.64
N PRO B 169 -3.47 9.08 -9.18
CA PRO B 169 -3.41 7.64 -8.86
C PRO B 169 -2.14 6.91 -9.32
N LEU B 170 -1.55 7.31 -10.44
CA LEU B 170 -0.34 6.64 -10.94
CA LEU B 170 -0.35 6.64 -10.92
C LEU B 170 0.86 7.04 -10.09
N LEU B 171 0.92 8.32 -9.71
CA LEU B 171 2.02 8.76 -8.82
C LEU B 171 1.82 8.19 -7.40
N ARG B 172 0.56 8.14 -6.97
CA ARG B 172 0.23 7.56 -5.64
C ARG B 172 0.71 6.10 -5.54
N PHE B 173 0.56 5.34 -6.62
CA PHE B 173 0.99 3.94 -6.66
C PHE B 173 2.47 3.84 -6.27
N HIS B 174 3.30 4.68 -6.87
CA HIS B 174 4.72 4.73 -6.52
C HIS B 174 4.96 5.26 -5.11
N GLN B 175 4.27 6.35 -4.77
CA GLN B 175 4.41 6.91 -3.40
C GLN B 175 4.17 5.84 -2.31
N ILE B 176 3.11 5.05 -2.45
CA ILE B 176 2.75 4.13 -1.36
C ILE B 176 3.76 2.98 -1.23
N HIS B 177 4.60 2.81 -2.26
CA HIS B 177 5.72 1.86 -2.23
C HIS B 177 7.06 2.49 -1.85
N GLY B 178 7.00 3.74 -1.38
CA GLY B 178 8.17 4.40 -0.84
C GLY B 178 8.91 5.35 -1.80
N ALA B 179 8.32 5.62 -2.98
CA ALA B 179 8.97 6.48 -3.98
C ALA B 179 8.97 7.95 -3.55
N LYS B 180 10.04 8.64 -3.91
CA LYS B 180 10.09 10.11 -3.82
C LYS B 180 9.82 10.67 -5.22
N ILE B 181 8.94 11.67 -5.34
CA ILE B 181 8.71 12.35 -6.62
C ILE B 181 9.87 13.31 -6.82
N GLU B 182 10.62 13.13 -7.90
CA GLU B 182 11.86 13.90 -8.07
C GLU B 182 11.56 15.19 -8.85
N LYS B 183 11.09 15.03 -10.07
CA LYS B 183 10.87 16.20 -10.95
C LYS B 183 10.18 15.78 -12.23
N LEU B 184 9.77 16.76 -13.03
CA LEU B 184 9.29 16.49 -14.38
C LEU B 184 10.45 16.20 -15.32
N LEU B 185 10.17 15.39 -16.35
CA LEU B 185 11.07 15.23 -17.49
C LEU B 185 10.26 15.64 -18.75
N PRO B 186 10.19 16.95 -19.03
CA PRO B 186 9.46 17.42 -20.21
C PRO B 186 10.04 16.86 -21.50
N GLY B 187 9.18 16.53 -22.46
CA GLY B 187 9.65 15.97 -23.73
C GLY B 187 9.91 14.46 -23.72
N TYR B 188 9.77 13.80 -22.56
CA TYR B 188 10.03 12.34 -22.46
C TYR B 188 9.09 11.52 -23.36
N ARG B 189 7.83 11.95 -23.47
CA ARG B 189 6.86 11.23 -24.31
C ARG B 189 6.20 12.21 -25.26
N PRO B 190 6.81 12.44 -26.43
CA PRO B 190 6.26 13.39 -27.41
C PRO B 190 4.80 13.14 -27.81
N LYS B 191 4.35 11.88 -27.71
CA LYS B 191 2.96 11.53 -28.08
C LYS B 191 1.95 11.73 -26.96
N ASP B 192 2.43 11.98 -25.74
CA ASP B 192 1.56 12.07 -24.56
C ASP B 192 1.08 13.52 -24.35
N TRP B 193 0.15 13.93 -25.21
CA TRP B 193 -0.34 15.30 -25.20
C TRP B 193 -1.07 15.68 -23.89
N GLU B 194 -1.81 14.74 -23.28
CA GLU B 194 -2.58 15.05 -22.08
C GLU B 194 -1.65 15.48 -20.95
N ASN B 195 -0.44 14.94 -20.96
CA ASN B 195 0.56 15.26 -19.92
C ASN B 195 1.58 16.28 -20.41
N GLN B 196 1.25 16.95 -21.52
CA GLN B 196 2.15 17.93 -22.12
C GLN B 196 3.55 17.32 -22.37
N THR B 197 3.55 16.05 -22.76
CA THR B 197 4.75 15.26 -23.07
C THR B 197 5.70 14.99 -21.88
N CYS B 198 5.30 15.34 -20.65
CA CYS B 198 6.18 15.18 -19.48
C CYS B 198 6.12 13.80 -18.88
N GLY B 199 7.28 13.19 -18.68
CA GLY B 199 7.43 12.05 -17.76
C GLY B 199 7.58 12.60 -16.36
N VAL B 200 7.46 11.72 -15.37
CA VAL B 200 7.66 12.14 -14.00
C VAL B 200 8.71 11.19 -13.42
N LEU B 201 9.83 11.75 -13.01
CA LEU B 201 10.90 10.95 -12.42
C LEU B 201 10.59 10.70 -10.94
N VAL B 202 10.64 9.42 -10.54
CA VAL B 202 10.53 9.02 -9.13
C VAL B 202 11.72 8.14 -8.77
N SER B 203 12.04 8.08 -7.49
CA SER B 203 13.19 7.32 -7.03
C SER B 203 12.85 6.52 -5.78
N TYR B 204 13.52 5.38 -5.63
CA TYR B 204 13.39 4.49 -4.48
C TYR B 204 14.72 4.33 -3.78
N ASP B 205 14.72 4.59 -2.48
CA ASP B 205 15.87 4.34 -1.64
C ASP B 205 15.72 2.88 -1.19
N ILE B 206 16.65 2.03 -1.59
CA ILE B 206 16.53 0.59 -1.30
C ILE B 206 17.48 0.10 -0.20
N GLN B 207 18.12 1.04 0.50
CA GLN B 207 19.20 0.71 1.46
C GLN B 207 18.75 -0.16 2.63
N HIS B 208 17.48 -0.04 3.01
CA HIS B 208 16.94 -0.79 4.15
C HIS B 208 16.62 -2.25 3.82
N ARG B 209 16.66 -2.61 2.54
CA ARG B 209 16.33 -3.96 2.09
C ARG B 209 17.54 -4.89 2.08
S SO4 C . 1.12 -6.97 6.91
S SO4 C . 1.14 -5.55 4.49
O1 SO4 C . 2.50 -7.19 7.34
O1 SO4 C . 2.16 -6.58 4.36
O2 SO4 C . 1.09 -5.93 5.88
O2 SO4 C . 1.56 -4.34 3.79
O3 SO4 C . 0.51 -8.14 6.35
O3 SO4 C . -0.12 -6.03 3.94
O4 SO4 C . 0.32 -6.54 8.07
O4 SO4 C . 0.94 -5.21 5.90
CL CL D . -27.30 -3.73 21.37
C1 GOL E . -3.30 -3.65 19.99
O1 GOL E . -3.42 -3.51 21.38
C2 GOL E . -4.52 -4.42 19.52
O2 GOL E . -5.63 -3.51 19.56
C3 GOL E . -4.70 -5.67 20.37
O3 GOL E . -5.54 -6.69 19.81
S SO4 F . -2.86 -2.84 -10.18
S SO4 F . -2.55 -3.12 -7.72
O1 SO4 F . -2.49 -4.19 -9.76
O1 SO4 F . -1.59 -3.47 -6.68
O2 SO4 F . -1.66 -2.07 -10.49
O2 SO4 F . -2.43 -4.04 -8.84
O3 SO4 F . -3.70 -2.91 -11.35
O3 SO4 F . -3.91 -3.19 -7.17
O4 SO4 F . -3.61 -2.17 -9.12
O4 SO4 F . -2.26 -1.76 -8.19
C1 GOL G . 3.89 3.81 -20.31
O1 GOL G . 4.16 4.52 -21.50
C2 GOL G . 4.91 2.69 -20.26
O2 GOL G . 6.15 3.23 -19.84
C3 GOL G . 5.00 2.19 -21.70
O3 GOL G . 5.11 0.79 -21.79
#